data_4PHB
#
_entry.id   4PHB
#
_cell.length_a   68.81
_cell.length_b   122.84
_cell.length_c   34.5099
_cell.angle_alpha   90.0
_cell.angle_beta   90.0
_cell.angle_gamma   90.0
#
_symmetry.space_group_name_H-M   'P 21 21 2'
#
loop_
_entity.id
_entity.type
_entity.pdbx_description
1 polymer 'Uncharacterized protein'
2 non-polymer 'GADOLINIUM ATOM'
3 water water
#
_entity_poly.entity_id   1
_entity_poly.type   'polypeptide(L)'
_entity_poly.pdbx_seq_one_letter_code
;MGAHAVSIKKLILAASILTTLALTGCGGKGAVQPSGVSTGDVNAKIVFDNDKVNADNVDGLSVSEREVKITKPGMYTFSG
TWNDGQILVDIGKEFEAVLVLDGVNITNTKSAPIYIKSAEKVKIELADGKDNVLTDAEFYEFEDPQDNKPNACIYSRDDI
TIKGNGNLTVNANFNNGIGTSNDLKITGGNITVKAFNNGLKGNGSVTISGGNIDITAGADGIKVENTEEPHKGYVNITGG
TIKIRAKDDAIDSVRSVSINNADVKVSVGGKDVKCEGVLNIAEGCLGKLEEASGKPIPNPLLGLDSTHHHHHH
;
_entity_poly.pdbx_strand_id   A
#
loop_
_chem_comp.id
_chem_comp.type
_chem_comp.name
_chem_comp.formula
GD non-polymer 'GADOLINIUM ATOM' Gd
#
# COMPACT_ATOMS: atom_id res chain seq x y z
N VAL A 42 -12.56 -12.07 -15.36
CA VAL A 42 -13.13 -10.75 -15.60
C VAL A 42 -12.06 -9.73 -16.01
N ASN A 43 -12.47 -8.79 -16.85
CA ASN A 43 -11.62 -7.71 -17.33
C ASN A 43 -12.47 -6.45 -17.50
N ALA A 44 -12.56 -5.66 -16.42
CA ALA A 44 -13.52 -4.57 -16.34
C ALA A 44 -12.86 -3.19 -16.34
N LYS A 45 -13.56 -2.26 -16.98
CA LYS A 45 -13.16 -0.87 -17.01
C LYS A 45 -14.15 -0.02 -16.20
N ILE A 46 -13.59 0.81 -15.32
CA ILE A 46 -14.36 1.69 -14.44
C ILE A 46 -13.81 3.12 -14.52
N VAL A 47 -14.67 4.06 -14.90
CA VAL A 47 -14.26 5.45 -15.05
C VAL A 47 -15.08 6.34 -14.14
N PHE A 48 -14.39 7.09 -13.28
CA PHE A 48 -15.02 8.06 -12.38
C PHE A 48 -15.01 9.42 -13.06
N ASP A 49 -16.12 10.13 -13.02
CA ASP A 49 -16.13 11.53 -13.41
C ASP A 49 -16.85 12.34 -12.34
N ASN A 50 -16.13 12.57 -11.24
CA ASN A 50 -16.57 13.38 -10.10
C ASN A 50 -17.70 12.73 -9.30
N ASP A 51 -18.90 12.72 -9.87
CA ASP A 51 -20.08 12.17 -9.20
C ASP A 51 -20.86 11.18 -10.09
N LYS A 52 -20.23 10.79 -11.21
CA LYS A 52 -20.76 9.76 -12.11
C LYS A 52 -19.79 8.57 -12.19
N VAL A 53 -20.31 7.36 -12.37
CA VAL A 53 -19.46 6.21 -12.63
C VAL A 53 -19.91 5.45 -13.87
N ASN A 54 -18.98 5.27 -14.79
CA ASN A 54 -19.17 4.46 -16.00
C ASN A 54 -18.40 3.15 -15.86
N ALA A 55 -19.13 2.07 -15.61
CA ALA A 55 -18.54 0.75 -15.36
C ALA A 55 -19.13 -0.30 -16.29
N ASP A 56 -18.31 -1.29 -16.63
CA ASP A 56 -18.79 -2.50 -17.28
C ASP A 56 -19.67 -3.30 -16.33
N ASN A 57 -20.72 -3.92 -16.86
CA ASN A 57 -21.49 -4.92 -16.14
C ASN A 57 -20.79 -6.28 -16.17
N VAL A 58 -20.23 -6.70 -15.03
CA VAL A 58 -19.54 -7.97 -14.95
C VAL A 58 -19.89 -8.68 -13.65
N ASP A 59 -19.65 -10.00 -13.61
CA ASP A 59 -19.94 -10.79 -12.44
C ASP A 59 -19.31 -10.22 -11.17
N GLY A 60 -20.11 -10.11 -10.11
CA GLY A 60 -19.60 -9.76 -8.81
C GLY A 60 -19.30 -8.28 -8.60
N LEU A 61 -19.23 -7.51 -9.69
CA LEU A 61 -18.92 -6.09 -9.63
C LEU A 61 -20.16 -5.29 -9.24
N SER A 62 -19.95 -4.30 -8.38
CA SER A 62 -21.05 -3.51 -7.87
C SER A 62 -20.64 -2.07 -7.57
N VAL A 63 -21.40 -1.13 -8.11
CA VAL A 63 -21.11 0.30 -7.93
C VAL A 63 -22.21 0.98 -7.12
N SER A 64 -21.82 1.55 -5.98
CA SER A 64 -22.73 2.30 -5.12
C SER A 64 -22.25 3.72 -5.01
N GLU A 65 -22.95 4.51 -4.21
CA GLU A 65 -22.65 5.94 -4.14
C GLU A 65 -21.19 6.20 -3.76
N ARG A 66 -20.71 5.50 -2.73
CA ARG A 66 -19.35 5.67 -2.24
C ARG A 66 -18.53 4.36 -2.32
N GLU A 67 -18.97 3.42 -3.15
CA GLU A 67 -18.33 2.11 -3.17
C GLU A 67 -18.33 1.45 -4.54
N VAL A 68 -17.16 0.97 -4.93
CA VAL A 68 -17.01 -0.01 -6.00
C VAL A 68 -16.59 -1.29 -5.33
N LYS A 69 -17.48 -2.27 -5.33
CA LYS A 69 -17.24 -3.56 -4.69
C LYS A 69 -16.96 -4.68 -5.71
N ILE A 70 -15.78 -5.30 -5.56
CA ILE A 70 -15.34 -6.41 -6.39
C ILE A 70 -15.43 -7.74 -5.60
N THR A 71 -16.07 -8.76 -6.18
CA THR A 71 -16.25 -10.04 -5.50
C THR A 71 -15.93 -11.24 -6.37
N LYS A 72 -15.49 -11.00 -7.60
CA LYS A 72 -15.00 -12.09 -8.45
C LYS A 72 -13.56 -11.77 -8.89
N PRO A 73 -12.77 -12.81 -9.17
CA PRO A 73 -11.39 -12.64 -9.63
C PRO A 73 -11.32 -11.91 -10.96
N GLY A 74 -10.16 -11.35 -11.31
CA GLY A 74 -10.02 -10.68 -12.57
C GLY A 74 -9.30 -9.33 -12.51
N MET A 75 -9.36 -8.61 -13.63
CA MET A 75 -8.66 -7.35 -13.80
C MET A 75 -9.66 -6.21 -13.83
N TYR A 76 -9.34 -5.14 -13.11
CA TYR A 76 -10.23 -3.99 -12.95
C TYR A 76 -9.40 -2.73 -13.13
N THR A 77 -9.75 -1.94 -14.15
CA THR A 77 -8.96 -0.79 -14.54
C THR A 77 -9.72 0.48 -14.21
N PHE A 78 -9.10 1.33 -13.39
CA PHE A 78 -9.72 2.54 -12.87
C PHE A 78 -9.05 3.80 -13.44
N SER A 79 -9.87 4.80 -13.72
CA SER A 79 -9.38 6.11 -14.15
C SER A 79 -10.36 7.18 -13.72
N GLY A 80 -9.88 8.42 -13.63
CA GLY A 80 -10.72 9.54 -13.33
C GLY A 80 -10.76 9.91 -11.87
N THR A 81 -11.39 11.04 -11.59
CA THR A 81 -11.49 11.60 -10.26
C THR A 81 -12.78 11.20 -9.54
N TRP A 82 -12.62 10.59 -8.38
CA TRP A 82 -13.74 10.26 -7.49
C TRP A 82 -13.64 11.10 -6.22
N ASN A 83 -14.62 11.98 -6.00
CA ASN A 83 -14.60 12.87 -4.85
C ASN A 83 -14.70 12.14 -3.49
N ASP A 84 -15.44 11.04 -3.43
CA ASP A 84 -15.66 10.38 -2.16
C ASP A 84 -16.04 8.92 -2.36
N GLY A 85 -15.05 8.04 -2.22
CA GLY A 85 -15.33 6.63 -2.46
C GLY A 85 -14.25 5.66 -2.00
N GLN A 86 -14.63 4.39 -2.03
CA GLN A 86 -13.75 3.29 -1.65
C GLN A 86 -13.85 2.16 -2.66
N ILE A 87 -12.70 1.67 -3.12
CA ILE A 87 -12.64 0.41 -3.85
C ILE A 87 -12.49 -0.71 -2.83
N LEU A 88 -13.50 -1.57 -2.77
CA LEU A 88 -13.57 -2.66 -1.80
C LEU A 88 -13.44 -4.01 -2.50
N VAL A 89 -12.39 -4.77 -2.15
CA VAL A 89 -12.14 -6.08 -2.75
C VAL A 89 -12.46 -7.20 -1.75
N ASP A 90 -13.44 -8.03 -2.10
CA ASP A 90 -13.84 -9.14 -1.25
C ASP A 90 -14.15 -10.37 -2.12
N ILE A 91 -13.09 -11.08 -2.49
CA ILE A 91 -13.19 -12.15 -3.48
C ILE A 91 -12.85 -13.53 -2.93
N GLY A 92 -12.45 -13.60 -1.66
CA GLY A 92 -12.15 -14.88 -1.04
C GLY A 92 -10.68 -15.26 -1.10
N LYS A 93 -10.25 -16.10 -0.16
CA LYS A 93 -8.83 -16.36 0.07
C LYS A 93 -8.19 -17.24 -1.00
N GLU A 94 -9.00 -17.78 -1.91
CA GLU A 94 -8.47 -18.60 -2.99
C GLU A 94 -8.32 -17.85 -4.33
N PHE A 95 -8.81 -16.61 -4.38
CA PHE A 95 -8.89 -15.87 -5.65
C PHE A 95 -8.03 -14.61 -5.69
N GLU A 96 -7.69 -14.19 -6.90
CA GLU A 96 -6.78 -13.06 -7.13
C GLU A 96 -7.42 -11.99 -7.98
N ALA A 97 -6.97 -10.75 -7.81
CA ALA A 97 -7.40 -9.67 -8.68
C ALA A 97 -6.24 -8.72 -8.98
N VAL A 98 -6.33 -8.06 -10.13
CA VAL A 98 -5.42 -6.97 -10.44
C VAL A 98 -6.25 -5.68 -10.50
N LEU A 99 -5.84 -4.68 -9.72
CA LEU A 99 -6.37 -3.33 -9.83
C LEU A 99 -5.37 -2.51 -10.60
N VAL A 100 -5.76 -2.07 -11.79
CA VAL A 100 -4.91 -1.23 -12.63
C VAL A 100 -5.35 0.21 -12.40
N LEU A 101 -4.44 1.00 -11.85
CA LEU A 101 -4.66 2.42 -11.64
C LEU A 101 -4.15 3.18 -12.87
N ASP A 102 -5.08 3.67 -13.68
CA ASP A 102 -4.78 4.21 -14.99
C ASP A 102 -5.09 5.71 -15.05
N GLY A 103 -4.60 6.43 -14.05
CA GLY A 103 -4.85 7.85 -13.94
C GLY A 103 -6.10 8.08 -13.10
N VAL A 104 -6.02 7.65 -11.84
CA VAL A 104 -7.15 7.77 -10.95
C VAL A 104 -6.83 8.81 -9.87
N ASN A 105 -7.86 9.47 -9.36
CA ASN A 105 -7.71 10.35 -8.21
C ASN A 105 -8.89 10.16 -7.27
N ILE A 106 -8.68 9.29 -6.29
CA ILE A 106 -9.72 8.91 -5.34
C ILE A 106 -9.49 9.54 -3.97
N THR A 107 -10.50 10.26 -3.49
CA THR A 107 -10.53 10.72 -2.10
C THR A 107 -11.62 9.93 -1.38
N ASN A 108 -11.42 9.68 -0.09
CA ASN A 108 -12.42 9.08 0.78
C ASN A 108 -12.51 9.86 2.08
N THR A 109 -13.68 10.40 2.35
CA THR A 109 -13.88 11.28 3.50
C THR A 109 -14.18 10.57 4.82
N LYS A 110 -14.32 9.25 4.78
CA LYS A 110 -14.72 8.48 5.96
C LYS A 110 -13.81 7.27 6.23
N SER A 111 -12.98 6.92 5.26
CA SER A 111 -12.27 5.65 5.31
C SER A 111 -11.12 5.57 4.30
N ALA A 112 -10.69 4.35 3.99
CA ALA A 112 -9.61 4.10 3.04
C ALA A 112 -10.11 4.08 1.59
N PRO A 113 -9.41 4.78 0.67
CA PRO A 113 -9.76 4.68 -0.75
C PRO A 113 -9.72 3.26 -1.32
N ILE A 114 -8.78 2.43 -0.85
CA ILE A 114 -8.73 1.02 -1.23
C ILE A 114 -8.66 0.13 0.02
N TYR A 115 -9.63 -0.78 0.10
CA TYR A 115 -9.78 -1.71 1.21
C TYR A 115 -9.94 -3.13 0.64
N ILE A 116 -8.93 -3.97 0.84
CA ILE A 116 -9.01 -5.35 0.41
C ILE A 116 -9.38 -6.19 1.64
N LYS A 117 -10.63 -6.63 1.64
CA LYS A 117 -11.21 -7.32 2.76
C LYS A 117 -10.82 -8.80 2.72
N SER A 118 -10.77 -9.37 1.52
CA SER A 118 -10.31 -10.75 1.37
C SER A 118 -9.84 -11.01 -0.06
N ALA A 119 -8.72 -11.72 -0.14
CA ALA A 119 -8.13 -12.15 -1.40
C ALA A 119 -7.04 -13.14 -1.09
N GLU A 120 -6.69 -13.96 -2.06
CA GLU A 120 -5.43 -14.65 -1.96
C GLU A 120 -4.29 -13.62 -2.08
N LYS A 121 -4.43 -12.77 -3.09
CA LYS A 121 -3.47 -11.72 -3.36
C LYS A 121 -4.11 -10.71 -4.30
N VAL A 122 -3.82 -9.45 -4.07
CA VAL A 122 -4.24 -8.40 -4.98
C VAL A 122 -3.00 -7.70 -5.50
N LYS A 123 -2.93 -7.52 -6.82
CA LYS A 123 -1.84 -6.76 -7.41
C LYS A 123 -2.32 -5.39 -7.81
N ILE A 124 -1.54 -4.36 -7.47
CA ILE A 124 -1.86 -3.00 -7.87
C ILE A 124 -0.83 -2.55 -8.89
N GLU A 125 -1.35 -2.22 -10.07
CA GLU A 125 -0.54 -1.91 -11.23
C GLU A 125 -0.68 -0.41 -11.61
N LEU A 126 0.45 0.27 -11.63
CA LEU A 126 0.49 1.69 -11.95
C LEU A 126 0.74 1.83 -13.46
N ALA A 127 -0.28 2.29 -14.19
CA ALA A 127 -0.18 2.38 -15.65
C ALA A 127 0.90 3.39 -16.05
N ASP A 128 1.70 3.01 -17.04
CA ASP A 128 2.77 3.84 -17.58
C ASP A 128 2.34 5.29 -17.84
N GLY A 129 3.01 6.23 -17.17
CA GLY A 129 2.86 7.64 -17.46
C GLY A 129 1.63 8.27 -16.82
N LYS A 130 1.00 7.55 -15.90
CA LYS A 130 -0.25 8.01 -15.30
C LYS A 130 -0.03 8.41 -13.86
N ASP A 131 -0.73 9.48 -13.45
CA ASP A 131 -0.65 9.96 -12.09
C ASP A 131 -1.84 9.46 -11.28
N ASN A 132 -1.54 8.68 -10.26
CA ASN A 132 -2.54 8.12 -9.39
C ASN A 132 -2.36 8.67 -7.99
N VAL A 133 -3.48 9.16 -7.44
CA VAL A 133 -3.47 9.79 -6.13
C VAL A 133 -4.58 9.16 -5.31
N LEU A 134 -4.24 8.75 -4.09
CA LEU A 134 -5.22 8.27 -3.12
C LEU A 134 -5.11 9.10 -1.84
N THR A 135 -6.23 9.65 -1.40
CA THR A 135 -6.30 10.50 -0.21
C THR A 135 -7.38 9.98 0.73
N ASP A 136 -7.03 9.76 2.01
CA ASP A 136 -8.00 9.23 2.97
C ASP A 136 -8.38 10.29 3.99
N ALA A 137 -9.29 9.91 4.89
CA ALA A 137 -9.79 10.81 5.92
C ALA A 137 -8.81 10.89 7.09
N GLU A 138 -8.83 12.02 7.81
CA GLU A 138 -8.02 12.22 9.00
C GLU A 138 -8.47 11.30 10.15
N PHE A 139 -9.79 11.12 10.26
CA PHE A 139 -10.40 10.18 11.22
C PHE A 139 -11.32 9.22 10.47
N TYR A 140 -11.05 7.92 10.50
CA TYR A 140 -11.95 6.96 9.85
C TYR A 140 -13.23 6.80 10.66
N GLU A 141 -14.32 6.59 9.94
CA GLU A 141 -15.57 6.19 10.53
C GLU A 141 -15.78 4.71 10.32
N PHE A 142 -16.06 3.99 11.40
CA PHE A 142 -16.28 2.56 11.37
C PHE A 142 -17.75 2.25 11.62
N GLU A 143 -18.40 1.70 10.61
CA GLU A 143 -19.81 1.40 10.70
C GLU A 143 -20.09 0.42 11.84
N ASP A 144 -19.12 -0.46 12.10
CA ASP A 144 -19.02 -1.16 13.37
C ASP A 144 -18.02 -0.41 14.24
N PRO A 145 -18.51 0.40 15.16
CA PRO A 145 -17.63 1.35 15.85
C PRO A 145 -16.53 0.69 16.70
N GLN A 146 -16.52 -0.63 16.83
CA GLN A 146 -15.46 -1.32 17.56
C GLN A 146 -14.36 -1.82 16.63
N ASP A 147 -14.60 -1.84 15.31
CA ASP A 147 -13.54 -2.17 14.35
C ASP A 147 -12.47 -1.10 14.36
N ASN A 148 -11.23 -1.48 14.07
CA ASN A 148 -10.18 -0.49 13.81
C ASN A 148 -9.45 -0.78 12.50
N LYS A 149 -9.99 -1.69 11.72
CA LYS A 149 -9.54 -1.92 10.36
C LYS A 149 -10.69 -1.54 9.43
N PRO A 150 -10.37 -0.92 8.27
CA PRO A 150 -9.02 -0.61 7.81
C PRO A 150 -8.35 0.54 8.57
N ASN A 151 -7.03 0.55 8.54
CA ASN A 151 -6.24 1.57 9.23
C ASN A 151 -5.08 2.04 8.38
N ALA A 152 -5.25 2.00 7.07
CA ALA A 152 -4.25 2.51 6.14
C ALA A 152 -4.92 2.99 4.86
N CYS A 153 -4.28 3.93 4.15
CA CYS A 153 -4.90 4.53 2.98
C CYS A 153 -5.16 3.46 1.92
N ILE A 154 -4.19 2.56 1.77
CA ILE A 154 -4.38 1.28 1.08
C ILE A 154 -4.23 0.21 2.15
N TYR A 155 -5.30 -0.53 2.43
CA TYR A 155 -5.28 -1.57 3.45
C TYR A 155 -5.76 -2.89 2.92
N SER A 156 -5.01 -3.94 3.23
CA SER A 156 -5.36 -5.28 2.77
C SER A 156 -5.21 -6.29 3.90
N ARG A 157 -6.26 -7.06 4.10
CA ARG A 157 -6.19 -8.14 5.07
C ARG A 157 -5.31 -9.23 4.51
N ASP A 158 -4.96 -9.15 3.23
CA ASP A 158 -4.15 -10.17 2.58
C ASP A 158 -2.97 -9.60 1.79
N ASP A 159 -2.18 -10.51 1.22
CA ASP A 159 -1.06 -10.15 0.34
C ASP A 159 -1.37 -9.09 -0.69
N ILE A 160 -0.51 -8.08 -0.76
CA ILE A 160 -0.59 -7.07 -1.79
C ILE A 160 0.75 -6.82 -2.44
N THR A 161 0.72 -6.73 -3.77
CA THR A 161 1.86 -6.37 -4.56
C THR A 161 1.57 -5.12 -5.37
N ILE A 162 2.51 -4.18 -5.32
CA ILE A 162 2.46 -2.97 -6.13
C ILE A 162 3.57 -3.07 -7.18
N LYS A 163 3.17 -2.85 -8.42
CA LYS A 163 4.02 -3.02 -9.60
C LYS A 163 3.71 -1.99 -10.69
N GLY A 164 4.56 -1.93 -11.72
CA GLY A 164 4.33 -1.05 -12.86
C GLY A 164 5.25 0.16 -12.96
N ASN A 165 5.20 0.83 -14.11
CA ASN A 165 6.03 1.99 -14.41
C ASN A 165 5.42 3.32 -13.95
N GLY A 166 4.15 3.30 -13.59
CA GLY A 166 3.41 4.52 -13.36
C GLY A 166 3.65 5.18 -12.02
N ASN A 167 2.83 6.18 -11.71
CA ASN A 167 2.99 6.97 -10.49
C ASN A 167 1.87 6.75 -9.46
N LEU A 168 2.26 6.77 -8.19
CA LEU A 168 1.32 6.66 -7.09
C LEU A 168 1.69 7.59 -5.94
N THR A 169 0.73 8.43 -5.53
CA THR A 169 0.86 9.25 -4.34
C THR A 169 -0.21 8.81 -3.35
N VAL A 170 0.26 8.43 -2.16
CA VAL A 170 -0.60 8.01 -1.06
C VAL A 170 -0.57 9.09 0.01
N ASN A 171 -1.70 9.78 0.14
CA ASN A 171 -1.89 10.76 1.19
C ASN A 171 -2.65 10.09 2.34
N ALA A 172 -1.89 9.69 3.36
CA ALA A 172 -2.43 8.91 4.45
C ALA A 172 -2.54 9.75 5.73
N ASN A 173 -3.72 10.31 5.96
CA ASN A 173 -3.93 11.25 7.04
C ASN A 173 -4.36 10.55 8.34
N PHE A 174 -4.97 9.38 8.20
CA PHE A 174 -5.49 8.68 9.37
C PHE A 174 -4.40 7.97 10.17
N ASN A 175 -3.67 7.09 9.49
CA ASN A 175 -2.77 6.21 10.18
C ASN A 175 -1.62 5.77 9.26
N ASN A 176 -1.63 4.52 8.83
CA ASN A 176 -0.55 4.02 8.00
C ASN A 176 -0.80 4.34 6.51
N GLY A 177 0.25 4.25 5.71
CA GLY A 177 0.15 4.57 4.29
C GLY A 177 -0.30 3.36 3.48
N ILE A 178 0.55 2.36 3.39
CA ILE A 178 0.18 1.10 2.77
C ILE A 178 0.35 0.01 3.78
N GLY A 179 -0.75 -0.67 4.07
CA GLY A 179 -0.83 -1.62 5.17
C GLY A 179 -1.39 -2.98 4.81
N THR A 180 -0.77 -4.03 5.36
CA THR A 180 -1.31 -5.36 5.21
C THR A 180 -0.98 -6.22 6.42
N SER A 181 -1.92 -7.09 6.78
CA SER A 181 -1.68 -8.07 7.82
C SER A 181 -0.80 -9.24 7.34
N ASN A 182 -0.49 -9.30 6.05
CA ASN A 182 0.45 -10.30 5.55
C ASN A 182 1.66 -9.66 4.86
N ASP A 183 1.94 -10.04 3.63
CA ASP A 183 3.16 -9.60 2.95
C ASP A 183 2.91 -8.52 1.92
N LEU A 184 3.61 -7.41 2.09
CA LEU A 184 3.60 -6.34 1.12
C LEU A 184 4.82 -6.54 0.21
N LYS A 185 4.60 -6.47 -1.09
CA LYS A 185 5.70 -6.50 -2.04
C LYS A 185 5.60 -5.32 -3.02
N ILE A 186 6.71 -4.61 -3.21
CA ILE A 186 6.79 -3.58 -4.22
C ILE A 186 7.87 -3.96 -5.22
N THR A 187 7.49 -4.16 -6.47
CA THR A 187 8.43 -4.56 -7.51
C THR A 187 8.77 -3.40 -8.46
N GLY A 188 8.01 -2.31 -8.40
CA GLY A 188 8.27 -1.16 -9.23
C GLY A 188 7.27 -0.03 -9.02
N GLY A 189 7.51 1.08 -9.71
CA GLY A 189 6.64 2.24 -9.66
C GLY A 189 7.26 3.46 -8.98
N ASN A 190 6.76 4.63 -9.34
CA ASN A 190 7.12 5.88 -8.65
C ASN A 190 6.10 6.17 -7.54
N ILE A 191 6.47 5.78 -6.33
CA ILE A 191 5.57 5.72 -5.18
C ILE A 191 5.94 6.71 -4.09
N THR A 192 5.06 7.67 -3.85
CA THR A 192 5.22 8.64 -2.76
C THR A 192 4.18 8.39 -1.68
N VAL A 193 4.64 8.16 -0.46
CA VAL A 193 3.76 8.01 0.70
C VAL A 193 4.00 9.14 1.71
N LYS A 194 2.90 9.74 2.14
CA LYS A 194 2.91 10.67 3.27
C LYS A 194 1.96 10.16 4.34
N ALA A 195 2.50 9.72 5.46
CA ALA A 195 1.73 8.99 6.47
C ALA A 195 1.79 9.65 7.85
N PHE A 196 0.63 9.72 8.51
CA PHE A 196 0.59 10.19 9.89
C PHE A 196 1.32 9.24 10.82
N ASN A 197 1.18 7.94 10.57
CA ASN A 197 1.85 6.95 11.41
C ASN A 197 2.98 6.28 10.63
N ASN A 198 2.80 5.05 10.18
CA ASN A 198 3.87 4.35 9.48
C ASN A 198 3.69 4.43 7.98
N GLY A 199 4.80 4.49 7.22
CA GLY A 199 4.71 4.61 5.78
C GLY A 199 4.22 3.32 5.13
N LEU A 200 5.02 2.27 5.26
CA LEU A 200 4.69 0.93 4.79
C LEU A 200 4.61 0.04 6.02
N LYS A 201 3.52 -0.72 6.11
CA LYS A 201 3.32 -1.62 7.23
C LYS A 201 2.86 -2.98 6.72
N GLY A 202 3.77 -3.94 6.79
CA GLY A 202 3.46 -5.31 6.43
C GLY A 202 3.68 -6.17 7.65
N ASN A 203 2.61 -6.58 8.31
CA ASN A 203 2.74 -7.35 9.54
C ASN A 203 3.58 -8.59 9.29
N GLY A 204 3.35 -9.23 8.15
CA GLY A 204 4.06 -10.45 7.81
C GLY A 204 5.44 -10.13 7.30
N SER A 205 5.53 -9.21 6.35
CA SER A 205 6.80 -8.83 5.77
C SER A 205 6.64 -7.65 4.80
N VAL A 206 7.76 -7.00 4.51
CA VAL A 206 7.84 -6.03 3.44
C VAL A 206 9.04 -6.36 2.55
N THR A 207 8.76 -6.54 1.25
CA THR A 207 9.78 -6.78 0.23
C THR A 207 9.75 -5.66 -0.81
N ILE A 208 10.91 -5.08 -1.08
CA ILE A 208 11.05 -4.10 -2.16
C ILE A 208 12.17 -4.55 -3.09
N SER A 209 11.79 -4.92 -4.31
CA SER A 209 12.73 -5.44 -5.30
C SER A 209 12.99 -4.44 -6.43
N GLY A 210 12.20 -3.36 -6.44
CA GLY A 210 12.43 -2.29 -7.37
C GLY A 210 11.51 -1.11 -7.10
N GLY A 211 11.66 -0.07 -7.92
CA GLY A 211 10.81 1.11 -7.81
C GLY A 211 11.52 2.33 -7.24
N ASN A 212 10.87 3.48 -7.38
CA ASN A 212 11.36 4.73 -6.85
C ASN A 212 10.41 5.17 -5.75
N ILE A 213 10.83 4.94 -4.52
CA ILE A 213 9.94 5.06 -3.37
C ILE A 213 10.38 6.19 -2.45
N ASP A 214 9.41 7.02 -2.09
CA ASP A 214 9.66 8.22 -1.30
C ASP A 214 8.64 8.26 -0.15
N ILE A 215 9.16 8.12 1.07
CA ILE A 215 8.33 7.96 2.26
C ILE A 215 8.55 9.07 3.30
N THR A 216 7.43 9.63 3.77
CA THR A 216 7.42 10.55 4.90
C THR A 216 6.47 9.96 5.95
N ALA A 217 6.99 9.71 7.16
CA ALA A 217 6.21 9.05 8.20
C ALA A 217 6.33 9.74 9.55
N GLY A 218 5.20 9.83 10.25
CA GLY A 218 5.19 10.35 11.61
C GLY A 218 5.71 9.36 12.64
N ALA A 219 5.88 8.10 12.23
CA ALA A 219 6.54 7.11 13.08
C ALA A 219 7.63 6.41 12.27
N ASP A 220 7.41 5.14 11.89
CA ASP A 220 8.38 4.42 11.06
C ASP A 220 8.11 4.49 9.58
N GLY A 221 9.19 4.55 8.82
CA GLY A 221 9.08 4.49 7.39
C GLY A 221 8.52 3.16 6.94
N ILE A 222 9.23 2.09 7.28
CA ILE A 222 8.84 0.72 6.98
C ILE A 222 8.73 -0.04 8.30
N LYS A 223 7.59 -0.66 8.56
CA LYS A 223 7.39 -1.41 9.80
C LYS A 223 6.80 -2.81 9.60
N VAL A 224 7.40 -3.75 10.30
CA VAL A 224 7.03 -5.14 10.22
C VAL A 224 6.97 -5.65 11.66
N GLU A 225 5.97 -6.43 12.02
CA GLU A 225 5.85 -6.82 13.42
C GLU A 225 5.48 -8.28 13.72
N ASN A 226 5.44 -9.15 12.72
CA ASN A 226 5.01 -10.53 12.99
C ASN A 226 6.03 -11.32 13.80
N THR A 227 5.76 -11.44 15.09
CA THR A 227 6.59 -12.24 15.99
C THR A 227 6.07 -13.68 15.98
N GLU A 228 4.85 -13.86 15.49
CA GLU A 228 4.15 -15.14 15.59
C GLU A 228 4.65 -16.22 14.61
N GLU A 229 4.65 -15.91 13.31
CA GLU A 229 4.76 -16.92 12.26
C GLU A 229 6.18 -17.25 11.82
N PRO A 230 6.34 -18.41 11.15
CA PRO A 230 7.63 -18.91 10.67
C PRO A 230 8.11 -18.14 9.44
N HIS A 231 9.35 -17.66 9.51
CA HIS A 231 9.95 -16.89 8.43
C HIS A 231 9.16 -15.63 8.11
N LYS A 232 8.53 -15.05 9.12
CA LYS A 232 7.91 -13.74 8.97
C LYS A 232 8.63 -12.75 9.86
N GLY A 233 8.21 -11.49 9.81
CA GLY A 233 8.82 -10.46 10.61
C GLY A 233 10.06 -9.86 9.97
N TYR A 234 10.13 -9.90 8.63
CA TYR A 234 11.33 -9.48 7.92
C TYR A 234 11.10 -8.36 6.91
N VAL A 235 12.15 -7.56 6.75
CA VAL A 235 12.20 -6.55 5.71
C VAL A 235 13.29 -6.96 4.72
N ASN A 236 12.94 -7.03 3.44
CA ASN A 236 13.88 -7.43 2.41
C ASN A 236 13.91 -6.44 1.24
N ILE A 237 15.04 -5.74 1.11
CA ILE A 237 15.21 -4.77 0.03
C ILE A 237 16.30 -5.28 -0.91
N THR A 238 15.89 -5.65 -2.12
CA THR A 238 16.80 -6.25 -3.11
C THR A 238 16.98 -5.40 -4.37
N GLY A 239 16.44 -4.19 -4.37
CA GLY A 239 16.54 -3.31 -5.50
C GLY A 239 15.76 -2.03 -5.29
N GLY A 240 15.82 -1.12 -6.26
CA GLY A 240 15.07 0.12 -6.18
C GLY A 240 15.79 1.27 -5.50
N THR A 241 15.18 2.44 -5.58
CA THR A 241 15.68 3.65 -4.94
C THR A 241 14.67 4.10 -3.88
N ILE A 242 15.12 4.24 -2.65
CA ILE A 242 14.24 4.46 -1.52
C ILE A 242 14.70 5.64 -0.68
N LYS A 243 13.83 6.62 -0.52
CA LYS A 243 14.09 7.73 0.39
C LYS A 243 13.06 7.73 1.51
N ILE A 244 13.56 7.83 2.74
CA ILE A 244 12.75 7.77 3.96
C ILE A 244 13.07 8.93 4.92
N ARG A 245 12.05 9.73 5.19
CA ARG A 245 12.07 10.70 6.27
C ARG A 245 11.05 10.26 7.31
N ALA A 246 11.50 10.03 8.53
CA ALA A 246 10.64 9.45 9.56
C ALA A 246 10.98 10.00 10.94
N LYS A 247 9.95 10.34 11.71
CA LYS A 247 10.20 10.89 13.04
C LYS A 247 10.80 9.85 13.97
N ASP A 248 10.51 8.57 13.71
CA ASP A 248 11.06 7.49 14.51
C ASP A 248 12.10 6.74 13.68
N ASP A 249 11.90 5.46 13.40
CA ASP A 249 12.90 4.68 12.65
C ASP A 249 12.63 4.62 11.15
N ALA A 250 13.67 4.57 10.33
CA ALA A 250 13.42 4.40 8.89
C ALA A 250 12.85 3.01 8.62
N ILE A 251 13.54 2.00 9.15
CA ILE A 251 13.10 0.61 9.06
C ILE A 251 13.00 0.01 10.46
N ASP A 252 11.85 -0.55 10.79
CA ASP A 252 11.66 -1.16 12.09
C ASP A 252 11.09 -2.56 11.90
N SER A 253 11.92 -3.56 12.21
CA SER A 253 11.59 -4.96 11.94
C SER A 253 11.92 -5.85 13.13
N VAL A 254 11.15 -6.91 13.32
CA VAL A 254 11.35 -7.76 14.48
C VAL A 254 12.51 -8.75 14.27
N ARG A 255 12.50 -9.51 13.19
CA ARG A 255 13.40 -10.66 13.06
C ARG A 255 14.54 -10.48 12.03
N SER A 256 14.37 -9.63 11.03
CA SER A 256 15.38 -9.54 9.99
C SER A 256 15.24 -8.33 9.06
N VAL A 257 16.38 -7.77 8.70
CA VAL A 257 16.46 -6.71 7.69
C VAL A 257 17.61 -7.04 6.75
N SER A 258 17.28 -7.23 5.47
CA SER A 258 18.28 -7.42 4.43
C SER A 258 18.22 -6.29 3.42
N ILE A 259 19.39 -5.75 3.06
CA ILE A 259 19.45 -4.73 2.00
C ILE A 259 20.64 -5.01 1.10
N ASN A 260 20.38 -5.06 -0.20
CA ASN A 260 21.43 -5.09 -1.20
C ASN A 260 20.95 -4.66 -2.58
N ASN A 261 21.90 -4.24 -3.40
CA ASN A 261 21.66 -3.83 -4.78
C ASN A 261 20.58 -2.75 -4.85
N ALA A 262 20.57 -1.89 -3.85
CA ALA A 262 19.55 -0.85 -3.74
C ALA A 262 20.14 0.40 -3.13
N ASP A 263 19.44 1.51 -3.29
CA ASP A 263 19.89 2.83 -2.86
C ASP A 263 18.91 3.35 -1.82
N VAL A 264 19.25 3.17 -0.54
CA VAL A 264 18.37 3.58 0.55
C VAL A 264 18.99 4.76 1.30
N LYS A 265 18.31 5.90 1.24
CA LYS A 265 18.79 7.09 1.93
C LYS A 265 17.75 7.57 2.91
N VAL A 266 18.19 7.87 4.13
CA VAL A 266 17.26 8.13 5.23
C VAL A 266 17.55 9.42 5.99
N SER A 267 16.52 9.89 6.67
CA SER A 267 16.62 10.96 7.64
C SER A 267 15.65 10.64 8.77
N VAL A 268 16.17 10.28 9.93
CA VAL A 268 15.36 9.72 11.01
C VAL A 268 15.53 10.41 12.36
N GLY A 269 14.49 10.39 13.18
CA GLY A 269 14.60 10.85 14.56
C GLY A 269 15.04 9.72 15.48
N GLY A 270 14.68 8.49 15.11
CA GLY A 270 15.11 7.31 15.83
C GLY A 270 16.32 6.69 15.16
N LYS A 271 16.22 5.43 14.77
CA LYS A 271 17.32 4.69 14.15
C LYS A 271 17.11 4.50 12.65
N ASP A 272 18.21 4.36 11.91
CA ASP A 272 18.12 3.98 10.50
C ASP A 272 17.43 2.63 10.39
N VAL A 273 17.98 1.67 11.12
CA VAL A 273 17.43 0.32 11.14
C VAL A 273 17.26 -0.12 12.60
N LYS A 274 16.01 -0.32 13.00
CA LYS A 274 15.72 -0.89 14.31
C LYS A 274 15.29 -2.33 14.13
N CYS A 275 16.10 -3.24 14.64
CA CYS A 275 15.88 -4.67 14.50
C CYS A 275 16.76 -5.43 15.49
N GLU A 276 16.16 -6.10 16.45
CA GLU A 276 16.92 -6.91 17.41
C GLU A 276 17.36 -8.24 16.80
N GLY A 277 16.78 -8.61 15.66
CA GLY A 277 17.14 -9.84 14.96
C GLY A 277 18.43 -9.73 14.16
N VAL A 278 18.41 -10.23 12.91
CA VAL A 278 19.61 -10.23 12.08
C VAL A 278 19.59 -9.13 11.03
N LEU A 279 20.77 -8.62 10.75
CA LEU A 279 20.96 -7.56 9.75
C LEU A 279 21.92 -8.08 8.71
N ASN A 280 21.45 -8.13 7.46
CA ASN A 280 22.29 -8.47 6.32
C ASN A 280 22.24 -7.30 5.36
N ILE A 281 23.05 -6.30 5.65
CA ILE A 281 23.03 -5.03 4.92
C ILE A 281 24.35 -4.83 4.21
N ALA A 282 24.30 -4.78 2.89
CA ALA A 282 25.50 -4.61 2.07
C ALA A 282 25.97 -3.17 2.13
N GLU A 283 27.29 -2.98 2.22
CA GLU A 283 27.87 -1.65 2.33
C GLU A 283 27.52 -0.85 1.06
N GLY A 284 27.27 0.45 1.24
CA GLY A 284 26.99 1.35 0.14
C GLY A 284 25.54 1.31 -0.30
N CYS A 285 24.67 0.76 0.54
CA CYS A 285 23.24 0.68 0.24
C CYS A 285 22.42 1.54 1.19
N LEU A 286 22.86 1.65 2.43
CA LEU A 286 22.14 2.46 3.42
C LEU A 286 22.94 3.71 3.76
N GLY A 287 22.36 4.87 3.48
CA GLY A 287 23.03 6.14 3.68
C GLY A 287 22.06 7.20 4.15
N LYS A 288 22.59 8.40 4.36
CA LYS A 288 21.81 9.52 4.87
C LYS A 288 21.30 10.40 3.74
N LEU A 289 20.15 11.00 3.98
CA LEU A 289 19.43 11.74 2.96
C LEU A 289 19.90 13.19 2.91
GD GD B . 1.72 -14.53 1.89
GD GD C . 9.63 2.48 15.77
GD GD D . -16.89 -5.81 11.86
GD GD E . -4.89 -12.89 5.48
GD GD F . -22.88 -3.38 11.28
GD GD G . -24.80 10.28 0.69
GD GD H . 9.72 -1.15 -14.41
GD GD I . -4.15 -19.54 -6.30
GD GD J . -21.51 9.96 10.21
GD GD K . 7.96 4.75 -18.69
GD GD L . -12.24 16.24 5.90
GD GD M . -4.94 -21.77 -0.33
#